data_4G6Q
#
_entry.id   4G6Q
#
_cell.length_a   77.759
_cell.length_b   77.759
_cell.length_c   140.688
_cell.angle_alpha   90.00
_cell.angle_beta   90.00
_cell.angle_gamma   90.00
#
_symmetry.space_group_name_H-M   'P 41 21 2'
#
loop_
_entity.id
_entity.type
_entity.pdbx_description
1 polymer 'Putative uncharacterized protein'
2 non-polymer 'SULFATE ION'
3 water water
#
_entity_poly.entity_id   1
_entity_poly.type   'polypeptide(L)'
_entity_poly.pdbx_seq_one_letter_code
;SNA(MSE)ETTGQ(MSE)PATSSLVDLLHHPLRWRITQLLIGRSLTTRELAELLPDVATTTLYRQVGILVKAGVL(MSE)
VTAEHQVRGAVERTYTLNTQAGDADHDGVDADRLRT(MSE)FTVFVAGVGGHLDQYLEREQIDPLADGIAFRQTALNLSD
EELAEFLTAFGEFLAPYVAHSPAPDRTRRVLSTILIPD
;
_entity_poly.pdbx_strand_id   A,B
#
loop_
_chem_comp.id
_chem_comp.type
_chem_comp.name
_chem_comp.formula
SO4 non-polymer 'SULFATE ION' 'O4 S -2'
#
# COMPACT_ATOMS: atom_id res chain seq x y z
N THR A 6 -11.77 13.91 14.80
CA THR A 6 -13.01 14.53 14.29
C THR A 6 -13.51 13.80 13.05
N THR A 7 -14.83 13.67 12.92
CA THR A 7 -15.41 12.76 11.92
C THR A 7 -15.48 13.24 10.47
N GLY A 8 -14.61 12.70 9.64
CA GLY A 8 -14.64 12.93 8.23
C GLY A 8 -15.29 11.74 7.54
N GLN A 9 -15.97 12.01 6.43
CA GLN A 9 -16.52 10.96 5.59
C GLN A 9 -15.54 10.75 4.45
N MSE A 10 -15.46 9.51 3.99
CA MSE A 10 -14.77 9.16 2.75
C MSE A 10 -15.28 10.16 1.70
O MSE A 10 -16.48 10.26 1.47
CB MSE A 10 -15.15 7.68 2.42
CG MSE A 10 -14.58 7.01 1.20
SE MSE A 10 -12.70 7.11 1.05
CE MSE A 10 -12.56 7.35 -0.88
N PRO A 11 -14.37 10.96 1.09
CA PRO A 11 -14.80 11.90 0.05
C PRO A 11 -15.60 11.16 -1.00
N ALA A 12 -16.50 11.86 -1.72
CA ALA A 12 -17.25 11.24 -2.81
C ALA A 12 -16.85 11.82 -4.17
N THR A 13 -16.17 12.97 -4.16
CA THR A 13 -15.77 13.60 -5.40
C THR A 13 -14.81 12.67 -6.12
N SER A 14 -15.06 12.41 -7.40
CA SER A 14 -14.28 11.39 -8.09
C SER A 14 -12.80 11.74 -8.09
N SER A 15 -12.47 13.01 -8.21
CA SER A 15 -11.08 13.42 -8.26
C SER A 15 -10.37 13.13 -6.93
N LEU A 16 -11.03 13.40 -5.81
CA LEU A 16 -10.42 13.09 -4.52
C LEU A 16 -10.35 11.59 -4.33
N VAL A 17 -11.41 10.88 -4.71
CA VAL A 17 -11.43 9.44 -4.52
C VAL A 17 -10.26 8.81 -5.27
N ASP A 18 -10.09 9.19 -6.54
CA ASP A 18 -8.96 8.70 -7.31
C ASP A 18 -7.59 8.92 -6.65
N LEU A 19 -7.39 10.06 -5.99
CA LEU A 19 -6.09 10.34 -5.37
C LEU A 19 -5.80 9.43 -4.19
N LEU A 20 -6.86 8.95 -3.54
CA LEU A 20 -6.72 8.23 -2.29
C LEU A 20 -6.43 6.74 -2.50
N HIS A 21 -6.46 6.28 -3.76
CA HIS A 21 -5.93 4.96 -4.10
C HIS A 21 -4.46 4.84 -3.69
N HIS A 22 -3.71 5.93 -3.82
CA HIS A 22 -2.26 5.95 -3.56
C HIS A 22 -1.99 5.78 -2.06
N PRO A 23 -1.22 4.75 -1.67
CA PRO A 23 -1.15 4.41 -0.23
C PRO A 23 -0.52 5.52 0.60
N LEU A 24 0.45 6.24 0.05
CA LEU A 24 1.03 7.36 0.81
C LEU A 24 0.03 8.52 0.96
N ARG A 25 -0.75 8.79 -0.09
CA ARG A 25 -1.76 9.86 0.04
C ARG A 25 -2.82 9.50 1.08
N TRP A 26 -3.20 8.22 1.15
CA TRP A 26 -4.13 7.81 2.20
C TRP A 26 -3.48 8.00 3.58
N ARG A 27 -2.21 7.60 3.72
CA ARG A 27 -1.53 7.70 5.01
C ARG A 27 -1.49 9.13 5.51
N ILE A 28 -1.18 10.04 4.61
CA ILE A 28 -1.09 11.47 4.94
C ILE A 28 -2.44 12.03 5.36
N THR A 29 -3.50 11.76 4.60
CA THR A 29 -4.77 12.36 4.96
C THR A 29 -5.29 11.75 6.28
N GLN A 30 -5.08 10.46 6.49
CA GLN A 30 -5.52 9.85 7.76
C GLN A 30 -4.78 10.43 8.97
N LEU A 31 -3.50 10.78 8.81
CA LEU A 31 -2.70 11.32 9.90
C LEU A 31 -3.20 12.71 10.26
N LEU A 32 -3.90 13.33 9.32
CA LEU A 32 -4.35 14.72 9.51
C LEU A 32 -5.78 14.84 10.03
N ILE A 33 -6.45 13.71 10.23
CA ILE A 33 -7.80 13.77 10.81
C ILE A 33 -7.73 14.40 12.19
N GLY A 34 -8.48 15.48 12.38
CA GLY A 34 -8.69 16.08 13.70
C GLY A 34 -7.57 16.97 14.21
N ARG A 35 -6.58 17.28 13.37
CA ARG A 35 -5.46 18.10 13.82
C ARG A 35 -4.76 18.71 12.62
N SER A 36 -3.86 19.65 12.89
CA SER A 36 -3.09 20.31 11.85
C SER A 36 -1.61 20.09 12.10
N LEU A 37 -0.86 19.89 11.02
CA LEU A 37 0.57 19.60 11.12
C LEU A 37 1.35 20.28 10.00
N THR A 38 2.60 20.61 10.28
CA THR A 38 3.48 21.10 9.22
C THR A 38 3.95 19.89 8.45
N THR A 39 4.51 20.13 7.28
CA THR A 39 5.03 19.06 6.44
C THR A 39 6.22 18.42 7.14
N ARG A 40 7.01 19.25 7.82
CA ARG A 40 8.10 18.73 8.61
C ARG A 40 7.58 17.73 9.65
N GLU A 41 6.47 18.06 10.32
CA GLU A 41 5.89 17.17 11.34
C GLU A 41 5.38 15.87 10.72
N LEU A 42 4.70 15.99 9.59
CA LEU A 42 4.25 14.82 8.84
C LEU A 42 5.46 13.96 8.44
N ALA A 43 6.53 14.58 7.95
CA ALA A 43 7.73 13.85 7.56
C ALA A 43 8.26 12.97 8.69
N GLU A 44 8.23 13.53 9.90
CA GLU A 44 8.75 12.89 11.07
C GLU A 44 7.88 11.71 11.50
N LEU A 45 6.60 11.76 11.15
CA LEU A 45 5.68 10.67 11.45
C LEU A 45 5.73 9.59 10.36
N LEU A 46 6.45 9.85 9.27
CA LEU A 46 6.51 8.90 8.17
C LEU A 46 7.95 8.65 7.79
N PRO A 47 8.74 8.13 8.74
CA PRO A 47 10.20 8.01 8.63
C PRO A 47 10.62 7.11 7.47
N ASP A 48 9.71 6.28 6.99
CA ASP A 48 10.04 5.28 5.97
C ASP A 48 9.94 5.87 4.59
N VAL A 49 9.32 7.04 4.52
CA VAL A 49 9.11 7.76 3.26
C VAL A 49 10.21 8.79 3.02
N ALA A 50 10.77 8.79 1.81
CA ALA A 50 11.80 9.77 1.47
C ALA A 50 11.21 11.16 1.63
N THR A 51 12.00 12.05 2.22
CA THR A 51 11.49 13.36 2.62
C THR A 51 10.95 14.12 1.43
N THR A 52 11.71 14.16 0.34
CA THR A 52 11.27 14.89 -0.84
C THR A 52 9.90 14.35 -1.30
N THR A 53 9.73 13.03 -1.30
CA THR A 53 8.48 12.38 -1.73
C THR A 53 7.31 12.79 -0.84
N LEU A 54 7.55 12.87 0.46
CA LEU A 54 6.52 13.28 1.39
CA LEU A 54 6.50 13.28 1.38
C LEU A 54 6.03 14.69 1.05
N TYR A 55 6.98 15.60 0.85
CA TYR A 55 6.62 16.97 0.51
C TYR A 55 5.86 16.98 -0.81
N ARG A 56 6.32 16.20 -1.78
CA ARG A 56 5.66 16.17 -3.08
C ARG A 56 4.15 15.81 -2.94
N GLN A 57 3.87 14.77 -2.18
CA GLN A 57 2.51 14.27 -2.06
C GLN A 57 1.61 15.21 -1.27
N VAL A 58 2.15 15.88 -0.25
CA VAL A 58 1.41 16.96 0.43
C VAL A 58 1.01 18.05 -0.57
N GLY A 59 1.98 18.46 -1.38
CA GLY A 59 1.73 19.41 -2.45
C GLY A 59 0.59 18.98 -3.34
N ILE A 60 0.62 17.72 -3.77
CA ILE A 60 -0.44 17.18 -4.62
C ILE A 60 -1.82 17.25 -3.93
N LEU A 61 -1.89 16.78 -2.70
CA LEU A 61 -3.11 16.84 -1.90
C LEU A 61 -3.65 18.26 -1.67
N VAL A 62 -2.77 19.19 -1.34
CA VAL A 62 -3.13 20.58 -1.15
C VAL A 62 -3.70 21.17 -2.42
N LYS A 63 -2.99 20.99 -3.53
CA LYS A 63 -3.47 21.55 -4.80
C LYS A 63 -4.83 20.98 -5.22
N ALA A 64 -5.04 19.68 -4.98
CA ALA A 64 -6.33 19.06 -5.30
C ALA A 64 -7.46 19.46 -4.33
N GLY A 65 -7.13 20.13 -3.23
CA GLY A 65 -8.14 20.56 -2.28
C GLY A 65 -8.52 19.49 -1.24
N VAL A 66 -7.70 18.46 -1.14
CA VAL A 66 -7.92 17.44 -0.10
C VAL A 66 -7.46 18.00 1.22
N LEU A 67 -6.43 18.85 1.18
CA LEU A 67 -5.92 19.50 2.39
C LEU A 67 -6.11 20.99 2.25
N MSE A 68 -6.11 21.68 3.37
CA MSE A 68 -6.17 23.14 3.33
C MSE A 68 -5.10 23.68 4.26
O MSE A 68 -4.71 23.01 5.23
CB MSE A 68 -7.56 23.63 3.75
CG MSE A 68 -8.04 23.14 5.11
SE MSE A 68 -9.78 23.91 5.64
CE MSE A 68 -9.61 25.65 4.77
N VAL A 69 -4.62 24.87 3.96
CA VAL A 69 -3.61 25.55 4.77
C VAL A 69 -4.28 26.25 5.94
N THR A 70 -3.90 25.91 7.17
CA THR A 70 -4.48 26.54 8.35
C THR A 70 -3.59 27.64 8.94
N ALA A 71 -2.32 27.66 8.56
CA ALA A 71 -1.42 28.74 8.97
C ALA A 71 -0.12 28.74 8.17
N GLU A 72 0.54 29.90 8.17
CA GLU A 72 1.88 30.01 7.64
C GLU A 72 2.61 31.13 8.36
N HIS A 73 3.82 30.83 8.82
CA HIS A 73 4.65 31.84 9.47
C HIS A 73 6.12 31.58 9.14
N GLN A 74 6.98 32.51 9.55
CA GLN A 74 8.39 32.43 9.24
C GLN A 74 9.16 31.60 10.26
N VAL A 75 9.78 30.53 9.78
CA VAL A 75 10.58 29.64 10.62
C VAL A 75 11.97 29.42 10.02
N ARG A 76 12.96 30.07 10.62
CA ARG A 76 14.35 30.06 10.16
C ARG A 76 14.54 30.82 8.84
N GLY A 77 13.85 31.96 8.73
CA GLY A 77 13.96 32.81 7.56
C GLY A 77 13.03 32.45 6.42
N ALA A 78 12.50 31.23 6.45
CA ALA A 78 11.64 30.72 5.38
C ALA A 78 10.24 30.39 5.88
N VAL A 79 9.25 30.46 4.99
CA VAL A 79 7.85 30.30 5.38
C VAL A 79 7.39 28.85 5.50
N GLU A 80 6.64 28.57 6.56
CA GLU A 80 6.21 27.21 6.84
C GLU A 80 4.70 27.13 6.98
N ARG A 81 4.09 26.24 6.20
CA ARG A 81 2.64 26.09 6.24
C ARG A 81 2.22 24.94 7.15
N THR A 82 1.08 25.13 7.80
CA THR A 82 0.43 24.09 8.57
C THR A 82 -0.81 23.61 7.81
N TYR A 83 -1.05 22.30 7.77
CA TYR A 83 -2.15 21.75 6.98
C TYR A 83 -3.12 20.92 7.81
N THR A 84 -4.38 20.87 7.39
CA THR A 84 -5.30 19.87 7.92
C THR A 84 -6.23 19.38 6.81
N LEU A 85 -7.07 18.40 7.11
CA LEU A 85 -8.06 17.92 6.15
C LEU A 85 -9.05 19.02 5.74
N ASN A 86 -9.26 19.15 4.45
CA ASN A 86 -10.36 19.98 3.97
C ASN A 86 -11.67 19.21 4.14
N THR A 87 -12.21 19.22 5.36
CA THR A 87 -13.42 18.45 5.63
C THR A 87 -14.59 18.89 4.73
N GLN A 88 -14.56 20.15 4.29
CA GLN A 88 -15.56 20.66 3.35
C GLN A 88 -15.53 19.92 2.03
N ALA A 89 -14.36 19.41 1.65
CA ALA A 89 -14.18 18.71 0.38
C ALA A 89 -14.76 17.29 0.41
N GLY A 90 -14.60 16.61 1.56
CA GLY A 90 -15.15 15.28 1.76
C GLY A 90 -16.65 15.28 2.00
N ASP A 91 -17.26 16.47 2.02
CA ASP A 91 -18.71 16.60 2.19
C ASP A 91 -19.45 16.96 0.89
N ALA A 92 -18.73 17.00 -0.22
CA ALA A 92 -19.32 17.37 -1.52
C ALA A 92 -19.61 16.15 -2.41
N ASP A 93 -20.67 16.25 -3.20
CA ASP A 93 -20.98 15.28 -4.25
C ASP A 93 -21.51 13.93 -3.77
N HIS A 94 -22.07 13.88 -2.56
CA HIS A 94 -22.54 12.62 -1.99
C HIS A 94 -23.94 12.17 -2.46
N ASP A 95 -24.54 12.90 -3.40
CA ASP A 95 -25.88 12.51 -3.84
C ASP A 95 -25.88 11.78 -5.19
N GLY A 96 -24.97 12.18 -6.08
CA GLY A 96 -24.90 11.54 -7.38
C GLY A 96 -24.04 10.29 -7.35
N VAL A 97 -23.94 9.66 -6.19
CA VAL A 97 -23.10 8.47 -6.05
C VAL A 97 -23.84 7.25 -6.57
N ASP A 98 -23.29 6.64 -7.63
CA ASP A 98 -23.88 5.44 -8.20
C ASP A 98 -23.13 4.21 -7.70
N ALA A 99 -23.56 3.04 -8.15
CA ALA A 99 -22.96 1.79 -7.69
C ALA A 99 -21.44 1.80 -7.89
N ASP A 100 -20.98 2.13 -9.10
CA ASP A 100 -19.55 2.08 -9.38
C ASP A 100 -18.72 2.98 -8.45
N ARG A 101 -19.19 4.21 -8.24
CA ARG A 101 -18.49 5.15 -7.36
C ARG A 101 -18.47 4.64 -5.92
N LEU A 102 -19.60 4.08 -5.47
CA LEU A 102 -19.69 3.59 -4.09
C LEU A 102 -18.75 2.42 -3.85
N ARG A 103 -18.67 1.50 -4.79
CA ARG A 103 -17.72 0.39 -4.69
C ARG A 103 -16.29 0.89 -4.57
N THR A 104 -15.94 1.80 -5.47
CA THR A 104 -14.60 2.36 -5.44
C THR A 104 -14.30 3.02 -4.10
N MSE A 105 -15.24 3.81 -3.58
CA MSE A 105 -15.07 4.46 -2.27
C MSE A 105 -14.76 3.45 -1.16
O MSE A 105 -13.86 3.66 -0.35
CB MSE A 105 -16.31 5.29 -1.90
CG MSE A 105 -16.47 6.59 -2.73
SE MSE A 105 -18.26 7.40 -2.49
CE MSE A 105 -18.22 7.63 -0.57
N PHE A 106 -15.54 2.37 -1.12
CA PHE A 106 -15.34 1.31 -0.14
C PHE A 106 -13.96 0.68 -0.29
N THR A 107 -13.63 0.30 -1.52
CA THR A 107 -12.35 -0.37 -1.81
C THR A 107 -11.16 0.49 -1.33
N VAL A 108 -11.23 1.78 -1.61
CA VAL A 108 -10.16 2.72 -1.28
C VAL A 108 -10.11 2.86 0.27
N PHE A 109 -11.28 2.91 0.90
CA PHE A 109 -11.41 3.06 2.36
C PHE A 109 -10.80 1.86 3.09
N VAL A 110 -11.22 0.65 2.74
CA VAL A 110 -10.69 -0.52 3.41
C VAL A 110 -9.21 -0.80 3.08
N ALA A 111 -8.77 -0.50 1.86
CA ALA A 111 -7.33 -0.54 1.58
C ALA A 111 -6.52 0.42 2.51
N GLY A 112 -7.02 1.63 2.73
CA GLY A 112 -6.34 2.54 3.64
C GLY A 112 -6.28 2.01 5.08
N VAL A 113 -7.41 1.53 5.56
CA VAL A 113 -7.47 0.99 6.91
C VAL A 113 -6.56 -0.22 7.04
N GLY A 114 -6.58 -1.08 6.02
CA GLY A 114 -5.69 -2.24 5.93
C GLY A 114 -4.23 -1.81 6.01
N GLY A 115 -3.89 -0.72 5.34
CA GLY A 115 -2.49 -0.23 5.34
C GLY A 115 -2.11 0.26 6.75
N HIS A 116 -3.08 0.83 7.45
CA HIS A 116 -2.84 1.30 8.82
C HIS A 116 -2.60 0.09 9.73
N LEU A 117 -3.36 -0.98 9.51
CA LEU A 117 -3.16 -2.22 10.26
C LEU A 117 -1.77 -2.79 9.95
N ASP A 118 -1.37 -2.74 8.69
CA ASP A 118 -0.05 -3.26 8.33
C ASP A 118 1.06 -2.49 9.06
N GLN A 119 0.85 -1.20 9.24
CA GLN A 119 1.84 -0.38 9.93
C GLN A 119 1.92 -0.78 11.41
N TYR A 120 0.76 -1.03 12.01
CA TYR A 120 0.71 -1.51 13.38
C TYR A 120 1.51 -2.80 13.51
N LEU A 121 1.34 -3.70 12.55
CA LEU A 121 2.03 -4.98 12.58
C LEU A 121 3.53 -4.88 12.29
N GLU A 122 4.03 -3.67 12.06
CA GLU A 122 5.47 -3.51 11.95
C GLU A 122 6.11 -3.26 13.32
N ARG A 123 5.28 -3.12 14.36
CA ARG A 123 5.81 -2.97 15.71
C ARG A 123 6.68 -4.17 16.11
N GLU A 124 7.75 -3.92 16.86
CA GLU A 124 8.62 -5.01 17.29
C GLU A 124 7.86 -5.98 18.18
N GLN A 125 6.94 -5.44 18.97
CA GLN A 125 6.14 -6.26 19.89
C GLN A 125 4.68 -5.82 19.79
N ILE A 126 3.78 -6.78 19.61
CA ILE A 126 2.34 -6.52 19.57
C ILE A 126 1.58 -7.37 20.58
N ASP A 127 0.48 -6.79 21.05
CA ASP A 127 -0.51 -7.48 21.86
C ASP A 127 -1.82 -6.77 21.48
N PRO A 128 -2.48 -7.30 20.44
CA PRO A 128 -3.64 -6.64 19.85
C PRO A 128 -4.68 -6.26 20.89
N LEU A 129 -4.90 -7.15 21.85
CA LEU A 129 -5.85 -6.91 22.91
C LEU A 129 -5.41 -5.73 23.78
N ALA A 130 -4.19 -5.78 24.31
CA ALA A 130 -3.68 -4.70 25.13
C ALA A 130 -3.55 -3.42 24.33
N ASP A 131 -3.26 -3.54 23.03
CA ASP A 131 -3.04 -2.39 22.17
C ASP A 131 -4.31 -1.70 21.67
N GLY A 132 -5.46 -2.31 21.97
CA GLY A 132 -6.75 -1.70 21.66
C GLY A 132 -7.26 -1.88 20.23
N ILE A 133 -6.76 -2.91 19.55
CA ILE A 133 -7.24 -3.23 18.23
C ILE A 133 -8.58 -3.91 18.39
N ALA A 134 -9.61 -3.40 17.72
CA ALA A 134 -10.94 -4.05 17.75
C ALA A 134 -11.66 -4.05 16.40
N PHE A 135 -12.26 -5.18 16.01
CA PHE A 135 -13.12 -5.28 14.84
C PHE A 135 -14.50 -5.72 15.37
N ARG A 136 -15.50 -4.83 15.38
CA ARG A 136 -16.84 -5.13 15.95
C ARG A 136 -18.00 -4.81 15.03
N GLN A 137 -19.14 -5.42 15.28
CA GLN A 137 -20.35 -5.09 14.55
C GLN A 137 -21.53 -5.09 15.48
N THR A 138 -22.44 -4.14 15.25
CA THR A 138 -23.69 -4.01 15.98
C THR A 138 -24.82 -3.85 14.97
N ALA A 139 -25.95 -4.49 15.23
CA ALA A 139 -27.14 -4.31 14.39
C ALA A 139 -28.17 -3.40 15.07
N LEU A 140 -28.73 -2.47 14.31
CA LEU A 140 -29.68 -1.51 14.84
C LEU A 140 -30.86 -1.43 13.91
N ASN A 141 -32.07 -1.52 14.47
CA ASN A 141 -33.29 -1.26 13.74
C ASN A 141 -33.64 0.22 13.80
N LEU A 142 -33.52 0.91 12.67
CA LEU A 142 -33.71 2.37 12.66
C LEU A 142 -34.45 2.81 11.43
N SER A 143 -35.44 3.69 11.59
CA SER A 143 -36.02 4.33 10.41
C SER A 143 -34.99 5.31 9.85
N ASP A 144 -35.21 5.79 8.63
CA ASP A 144 -34.26 6.72 8.01
C ASP A 144 -34.11 7.95 8.91
N GLU A 145 -35.22 8.47 9.41
CA GLU A 145 -35.20 9.61 10.33
CA GLU A 145 -35.12 9.64 10.31
C GLU A 145 -34.53 9.32 11.68
N GLU A 146 -34.81 8.16 12.26
CA GLU A 146 -34.07 7.76 13.48
C GLU A 146 -32.56 7.65 13.23
N LEU A 147 -32.19 7.20 12.04
CA LEU A 147 -30.75 7.09 11.73
C LEU A 147 -30.09 8.48 11.69
N ALA A 148 -30.79 9.48 11.17
CA ALA A 148 -30.24 10.84 11.20
C ALA A 148 -30.01 11.28 12.64
N GLU A 149 -30.95 10.97 13.52
CA GLU A 149 -30.81 11.29 14.94
C GLU A 149 -29.66 10.52 15.56
N PHE A 150 -29.57 9.23 15.25
CA PHE A 150 -28.51 8.40 15.79
C PHE A 150 -27.13 8.98 15.41
N LEU A 151 -26.98 9.38 14.16
CA LEU A 151 -25.71 9.92 13.71
C LEU A 151 -25.36 11.22 14.43
N THR A 152 -26.35 12.08 14.67
CA THR A 152 -26.13 13.32 15.42
C THR A 152 -25.75 13.02 16.87
N ALA A 153 -26.47 12.12 17.51
CA ALA A 153 -26.15 11.73 18.88
C ALA A 153 -24.76 11.05 18.97
N PHE A 154 -24.39 10.30 17.93
CA PHE A 154 -23.09 9.62 17.89
C PHE A 154 -21.97 10.68 17.90
N GLY A 155 -22.08 11.70 17.05
CA GLY A 155 -21.14 12.83 17.08
C GLY A 155 -21.08 13.47 18.46
N GLU A 156 -22.22 13.61 19.12
CA GLU A 156 -22.22 14.20 20.47
C GLU A 156 -21.56 13.26 21.49
N PHE A 157 -21.76 11.96 21.34
CA PHE A 157 -21.12 10.98 22.19
C PHE A 157 -19.58 11.09 22.03
N LEU A 158 -19.12 11.19 20.79
CA LEU A 158 -17.69 11.30 20.52
C LEU A 158 -17.03 12.59 21.00
N ALA A 159 -17.79 13.68 21.10
CA ALA A 159 -17.18 15.01 21.24
C ALA A 159 -16.21 15.17 22.40
N PRO A 160 -16.60 14.73 23.61
CA PRO A 160 -15.63 14.91 24.71
C PRO A 160 -14.33 14.13 24.46
N TYR A 161 -14.39 12.96 23.82
CA TYR A 161 -13.15 12.23 23.57
C TYR A 161 -12.29 12.89 22.48
N VAL A 162 -12.97 13.40 21.45
CA VAL A 162 -12.31 14.11 20.36
C VAL A 162 -11.61 15.35 20.92
N ALA A 163 -12.12 15.87 22.02
CA ALA A 163 -11.50 17.04 22.64
C ALA A 163 -10.16 16.74 23.32
N HIS A 164 -9.84 15.47 23.57
CA HIS A 164 -8.57 15.14 24.23
C HIS A 164 -7.36 15.66 23.48
N SER A 165 -6.48 16.38 24.16
CA SER A 165 -5.18 16.76 23.61
C SER A 165 -4.19 15.59 23.66
N PRO A 166 -3.14 15.65 22.83
CA PRO A 166 -2.05 14.69 22.94
C PRO A 166 -1.39 14.81 24.31
N ALA A 167 -0.81 13.72 24.80
CA ALA A 167 -0.11 13.74 26.09
C ALA A 167 0.77 12.51 26.17
N PRO A 168 1.71 12.46 27.12
CA PRO A 168 2.59 11.29 27.16
C PRO A 168 1.86 9.96 27.43
N ASP A 169 0.73 9.96 28.13
CA ASP A 169 0.05 8.70 28.41
C ASP A 169 -0.89 8.26 27.28
N ARG A 170 -1.12 9.14 26.30
CA ARG A 170 -2.14 8.89 25.29
C ARG A 170 -1.57 8.49 23.95
N THR A 171 -2.30 7.60 23.28
CA THR A 171 -1.92 7.18 21.94
C THR A 171 -3.05 7.59 20.97
N ARG A 172 -2.68 8.14 19.81
CA ARG A 172 -3.69 8.50 18.82
C ARG A 172 -4.28 7.22 18.22
N ARG A 173 -5.60 7.10 18.21
CA ARG A 173 -6.27 5.93 17.69
C ARG A 173 -7.21 6.36 16.59
N VAL A 174 -7.34 5.53 15.57
CA VAL A 174 -8.27 5.85 14.49
C VAL A 174 -9.45 4.91 14.50
N LEU A 175 -10.63 5.50 14.66
CA LEU A 175 -11.88 4.74 14.72
C LEU A 175 -12.55 4.84 13.36
N SER A 176 -12.64 3.73 12.64
CA SER A 176 -13.29 3.70 11.33
C SER A 176 -14.65 3.06 11.48
N THR A 177 -15.66 3.69 10.88
CA THR A 177 -17.04 3.25 10.97
C THR A 177 -17.62 3.04 9.57
N ILE A 178 -18.36 1.94 9.41
CA ILE A 178 -19.04 1.61 8.14
C ILE A 178 -20.48 1.27 8.50
N LEU A 179 -21.45 1.89 7.83
CA LEU A 179 -22.84 1.62 8.11
C LEU A 179 -23.52 1.23 6.81
N ILE A 180 -24.14 0.05 6.81
CA ILE A 180 -24.81 -0.50 5.62
C ILE A 180 -26.14 -1.14 6.05
N PRO A 181 -27.26 -0.87 5.32
CA PRO A 181 -28.55 -1.48 5.64
C PRO A 181 -28.69 -2.87 5.00
N ASP A 182 -29.44 -3.77 5.64
CA ASP A 182 -29.90 -5.00 4.99
C ASP A 182 -30.89 -4.65 3.87
N GLY B 8 9.30 -20.71 -11.52
CA GLY B 8 9.31 -19.46 -10.77
C GLY B 8 8.18 -19.35 -9.76
N GLN B 9 7.96 -20.40 -9.00
CA GLN B 9 6.92 -20.44 -7.97
C GLN B 9 7.24 -19.49 -6.81
N MSE B 10 6.20 -18.94 -6.19
CA MSE B 10 6.37 -18.06 -5.04
C MSE B 10 6.62 -18.90 -3.78
O MSE B 10 6.15 -20.03 -3.66
CB MSE B 10 5.16 -17.15 -4.83
CG MSE B 10 4.00 -17.80 -4.10
SE MSE B 10 2.85 -16.49 -3.24
CE MSE B 10 4.20 -15.58 -2.17
N PRO B 11 7.37 -18.33 -2.83
CA PRO B 11 7.67 -18.99 -1.55
C PRO B 11 6.41 -19.57 -0.92
N ALA B 12 6.56 -20.74 -0.29
CA ALA B 12 5.45 -21.40 0.39
C ALA B 12 5.76 -21.51 1.88
N THR B 13 6.99 -21.15 2.25
CA THR B 13 7.42 -21.25 3.64
C THR B 13 6.73 -20.20 4.48
N SER B 14 6.24 -20.60 5.64
CA SER B 14 5.56 -19.70 6.56
C SER B 14 6.36 -18.43 6.83
N SER B 15 7.66 -18.58 7.07
CA SER B 15 8.52 -17.43 7.39
C SER B 15 8.63 -16.41 6.26
N LEU B 16 8.81 -16.89 5.03
CA LEU B 16 8.94 -16.00 3.87
C LEU B 16 7.59 -15.40 3.45
N VAL B 17 6.53 -16.19 3.49
CA VAL B 17 5.21 -15.70 3.11
C VAL B 17 4.79 -14.51 3.98
N ASP B 18 4.98 -14.66 5.29
CA ASP B 18 4.62 -13.61 6.24
C ASP B 18 5.41 -12.30 6.04
N LEU B 19 6.60 -12.39 5.44
CA LEU B 19 7.38 -11.19 5.13
C LEU B 19 6.83 -10.43 3.92
N LEU B 20 6.04 -11.11 3.10
CA LEU B 20 5.60 -10.52 1.83
C LEU B 20 4.29 -9.73 1.93
N HIS B 21 3.71 -9.64 3.12
CA HIS B 21 2.54 -8.79 3.32
C HIS B 21 2.97 -7.33 3.19
N HIS B 22 4.19 -7.06 3.63
CA HIS B 22 4.74 -5.71 3.56
C HIS B 22 5.03 -5.30 2.11
N PRO B 23 4.37 -4.24 1.64
CA PRO B 23 4.42 -3.78 0.25
C PRO B 23 5.83 -3.57 -0.29
N LEU B 24 6.70 -2.88 0.45
CA LEU B 24 8.07 -2.64 0.00
C LEU B 24 8.86 -3.95 -0.15
N ARG B 25 8.67 -4.87 0.79
CA ARG B 25 9.35 -6.17 0.70
C ARG B 25 8.84 -6.99 -0.49
N TRP B 26 7.57 -6.84 -0.83
CA TRP B 26 7.08 -7.44 -2.07
C TRP B 26 7.73 -6.77 -3.30
N ARG B 27 7.76 -5.44 -3.26
CA ARG B 27 8.26 -4.62 -4.35
C ARG B 27 9.71 -4.98 -4.64
N ILE B 28 10.52 -5.04 -3.58
CA ILE B 28 11.92 -5.40 -3.69
C ILE B 28 12.11 -6.78 -4.34
N THR B 29 11.43 -7.79 -3.80
CA THR B 29 11.56 -9.16 -4.32
C THR B 29 11.12 -9.28 -5.79
N GLN B 30 10.00 -8.64 -6.16
CA GLN B 30 9.52 -8.71 -7.54
C GLN B 30 10.49 -8.03 -8.51
N LEU B 31 11.17 -6.98 -8.06
CA LEU B 31 12.18 -6.30 -8.87
C LEU B 31 13.39 -7.19 -9.18
N LEU B 32 13.56 -8.25 -8.39
CA LEU B 32 14.75 -9.12 -8.55
C LEU B 32 14.52 -10.38 -9.41
N ILE B 33 13.27 -10.64 -9.78
CA ILE B 33 12.98 -11.78 -10.66
C ILE B 33 13.74 -11.68 -11.96
N GLY B 34 14.66 -12.61 -12.19
CA GLY B 34 15.34 -12.71 -13.47
C GLY B 34 16.56 -11.81 -13.59
N ARG B 35 17.01 -11.25 -12.48
CA ARG B 35 18.21 -10.42 -12.48
C ARG B 35 18.81 -10.24 -11.10
N SER B 36 20.00 -9.62 -11.07
CA SER B 36 20.71 -9.31 -9.83
C SER B 36 20.94 -7.80 -9.75
N LEU B 37 20.73 -7.23 -8.57
CA LEU B 37 20.83 -5.79 -8.38
C LEU B 37 21.66 -5.45 -7.13
N THR B 38 22.50 -4.42 -7.24
CA THR B 38 23.22 -3.90 -6.09
C THR B 38 22.29 -3.01 -5.25
N THR B 39 22.72 -2.63 -4.05
CA THR B 39 21.88 -1.83 -3.17
C THR B 39 21.73 -0.41 -3.73
N ARG B 40 22.63 -0.05 -4.63
CA ARG B 40 22.62 1.25 -5.29
C ARG B 40 21.58 1.29 -6.41
N GLU B 41 21.54 0.23 -7.21
CA GLU B 41 20.55 0.10 -8.28
C GLU B 41 19.11 0.05 -7.73
N LEU B 42 18.93 -0.58 -6.56
CA LEU B 42 17.62 -0.62 -5.93
C LEU B 42 17.16 0.77 -5.48
N ALA B 43 18.09 1.57 -4.96
CA ALA B 43 17.78 2.92 -4.52
C ALA B 43 17.30 3.78 -5.69
N GLU B 44 17.96 3.62 -6.84
CA GLU B 44 17.61 4.38 -8.03
C GLU B 44 16.25 3.94 -8.59
N LEU B 45 15.91 2.68 -8.41
CA LEU B 45 14.61 2.15 -8.84
C LEU B 45 13.51 2.51 -7.85
N LEU B 46 13.91 2.75 -6.60
CA LEU B 46 12.96 3.04 -5.53
C LEU B 46 13.23 4.39 -4.87
N PRO B 47 13.16 5.49 -5.66
CA PRO B 47 13.48 6.86 -5.21
C PRO B 47 12.55 7.39 -4.11
N ASP B 48 11.39 6.76 -3.94
CA ASP B 48 10.36 7.21 -2.98
C ASP B 48 10.58 6.63 -1.58
N VAL B 49 11.46 5.64 -1.49
CA VAL B 49 11.79 4.98 -0.22
C VAL B 49 12.97 5.65 0.47
N ALA B 50 12.84 5.90 1.78
CA ALA B 50 13.97 6.45 2.54
C ALA B 50 15.14 5.47 2.56
N THR B 51 16.36 6.00 2.38
CA THR B 51 17.59 5.21 2.36
C THR B 51 17.70 4.23 3.51
N THR B 52 17.52 4.73 4.73
CA THR B 52 17.60 3.90 5.94
C THR B 52 16.63 2.73 5.87
N THR B 53 15.42 2.99 5.40
CA THR B 53 14.38 1.97 5.24
C THR B 53 14.77 0.93 4.17
N LEU B 54 15.28 1.41 3.04
CA LEU B 54 15.74 0.51 1.98
C LEU B 54 16.75 -0.52 2.52
N TYR B 55 17.81 -0.05 3.17
CA TYR B 55 18.82 -0.96 3.72
C TYR B 55 18.27 -1.84 4.81
N ARG B 56 17.43 -1.26 5.66
CA ARG B 56 16.78 -2.03 6.72
C ARG B 56 16.02 -3.19 6.11
N GLN B 57 15.20 -2.91 5.11
CA GLN B 57 14.34 -3.94 4.48
C GLN B 57 15.13 -4.98 3.69
N VAL B 58 16.10 -4.53 2.92
CA VAL B 58 16.98 -5.45 2.20
C VAL B 58 17.67 -6.40 3.18
N GLY B 59 18.11 -5.86 4.32
CA GLY B 59 18.72 -6.68 5.35
C GLY B 59 17.79 -7.77 5.85
N ILE B 60 16.53 -7.39 6.07
CA ILE B 60 15.51 -8.32 6.54
C ILE B 60 15.29 -9.48 5.56
N LEU B 61 15.26 -9.15 4.27
CA LEU B 61 15.10 -10.16 3.22
C LEU B 61 16.30 -11.09 3.13
N VAL B 62 17.52 -10.54 3.15
CA VAL B 62 18.71 -11.38 3.10
C VAL B 62 18.79 -12.30 4.31
N LYS B 63 18.53 -11.75 5.48
CA LYS B 63 18.55 -12.53 6.73
C LYS B 63 17.54 -13.69 6.71
N ALA B 64 16.34 -13.43 6.19
CA ALA B 64 15.29 -14.45 6.16
C ALA B 64 15.53 -15.51 5.08
N GLY B 65 16.37 -15.18 4.12
CA GLY B 65 16.78 -16.13 3.09
C GLY B 65 16.00 -16.07 1.79
N VAL B 66 15.29 -14.98 1.55
CA VAL B 66 14.57 -14.81 0.29
C VAL B 66 15.46 -14.09 -0.73
N LEU B 67 16.49 -13.43 -0.22
CA LEU B 67 17.56 -12.91 -1.06
C LEU B 67 18.85 -13.59 -0.70
N MSE B 68 19.72 -13.76 -1.68
CA MSE B 68 21.05 -14.24 -1.43
C MSE B 68 22.01 -13.28 -2.10
O MSE B 68 21.72 -12.77 -3.19
CB MSE B 68 21.23 -15.67 -1.95
CG MSE B 68 21.27 -15.78 -3.46
SE MSE B 68 20.90 -17.59 -4.07
CE MSE B 68 21.67 -18.55 -2.56
N VAL B 69 23.12 -13.01 -1.44
CA VAL B 69 24.13 -12.12 -2.00
C VAL B 69 24.99 -12.86 -3.01
N THR B 70 24.91 -12.44 -4.26
CA THR B 70 25.56 -13.11 -5.39
C THR B 70 27.05 -12.78 -5.50
N ALA B 71 27.35 -11.49 -5.58
CA ALA B 71 28.73 -11.05 -5.79
C ALA B 71 29.24 -10.20 -4.62
N GLU B 72 30.55 -10.18 -4.45
CA GLU B 72 31.19 -9.35 -3.46
C GLU B 72 32.51 -8.81 -4.02
N HIS B 73 32.43 -7.70 -4.75
CA HIS B 73 33.62 -7.05 -5.32
C HIS B 73 33.88 -5.68 -4.69
N GLN B 74 35.15 -5.31 -4.61
CA GLN B 74 35.55 -4.05 -3.97
C GLN B 74 35.19 -2.82 -4.80
N VAL B 75 34.24 -2.03 -4.30
CA VAL B 75 33.72 -0.86 -5.03
C VAL B 75 33.86 0.44 -4.24
N ARG B 76 34.84 1.26 -4.63
CA ARG B 76 35.05 2.58 -4.03
C ARG B 76 35.28 2.53 -2.51
N GLY B 77 36.06 1.56 -2.06
CA GLY B 77 36.38 1.43 -0.64
C GLY B 77 35.59 0.37 0.11
N ALA B 78 34.32 0.19 -0.27
CA ALA B 78 33.44 -0.77 0.39
C ALA B 78 33.11 -1.95 -0.53
N VAL B 79 32.37 -2.92 -0.01
CA VAL B 79 31.95 -4.06 -0.80
C VAL B 79 30.49 -3.94 -1.20
N GLU B 80 30.26 -3.51 -2.45
CA GLU B 80 28.90 -3.36 -2.96
C GLU B 80 28.34 -4.71 -3.35
N ARG B 81 27.62 -5.34 -2.42
CA ARG B 81 27.02 -6.64 -2.67
C ARG B 81 25.93 -6.54 -3.72
N THR B 82 25.79 -7.62 -4.49
CA THR B 82 24.75 -7.74 -5.50
C THR B 82 23.82 -8.89 -5.07
N TYR B 83 22.52 -8.62 -4.96
CA TYR B 83 21.58 -9.63 -4.52
C TYR B 83 20.72 -10.17 -5.66
N THR B 84 20.23 -11.39 -5.49
CA THR B 84 19.20 -11.95 -6.35
C THR B 84 18.27 -12.81 -5.50
N LEU B 85 17.20 -13.30 -6.10
CA LEU B 85 16.26 -14.14 -5.36
C LEU B 85 16.88 -15.49 -5.02
N ASN B 86 16.84 -15.85 -3.74
CA ASN B 86 17.27 -17.16 -3.29
C ASN B 86 16.35 -18.20 -3.93
N THR B 87 16.75 -18.66 -5.12
CA THR B 87 15.91 -19.51 -5.95
C THR B 87 15.40 -20.76 -5.23
N GLN B 88 16.20 -21.29 -4.30
CA GLN B 88 15.81 -22.49 -3.56
C GLN B 88 14.70 -22.21 -2.54
N ALA B 89 14.69 -21.00 -1.99
CA ALA B 89 13.68 -20.61 -1.01
C ALA B 89 12.32 -20.40 -1.67
N VAL B 97 1.81 -27.31 3.14
CA VAL B 97 0.88 -26.22 2.86
C VAL B 97 -0.56 -26.69 3.04
N ASP B 98 -1.29 -26.00 3.91
CA ASP B 98 -2.70 -26.31 4.12
C ASP B 98 -3.60 -25.17 3.62
N ALA B 99 -4.88 -25.22 3.99
CA ALA B 99 -5.84 -24.25 3.51
C ALA B 99 -5.47 -22.82 3.90
N ASP B 100 -5.20 -22.61 5.18
CA ASP B 100 -4.94 -21.27 5.68
C ASP B 100 -3.65 -20.66 5.10
N ARG B 101 -2.64 -21.50 4.89
CA ARG B 101 -1.36 -21.06 4.33
C ARG B 101 -1.54 -20.66 2.87
N LEU B 102 -2.31 -21.46 2.12
CA LEU B 102 -2.61 -21.18 0.71
C LEU B 102 -3.40 -19.87 0.51
N ARG B 103 -4.40 -19.62 1.37
CA ARG B 103 -5.14 -18.37 1.32
C ARG B 103 -4.21 -17.17 1.52
N THR B 104 -3.30 -17.30 2.48
CA THR B 104 -2.39 -16.20 2.82
C THR B 104 -1.47 -15.96 1.63
N MSE B 105 -0.98 -17.03 1.02
CA MSE B 105 -0.15 -16.97 -0.19
C MSE B 105 -0.83 -16.20 -1.32
O MSE B 105 -0.22 -15.34 -1.97
CB MSE B 105 0.23 -18.37 -0.66
CG MSE B 105 1.34 -19.04 0.15
SE MSE B 105 1.61 -20.94 -0.25
CE MSE B 105 2.39 -20.82 -2.02
N PHE B 106 -2.09 -16.54 -1.59
CA PHE B 106 -2.88 -15.87 -2.62
C PHE B 106 -3.09 -14.39 -2.30
N THR B 107 -3.40 -14.12 -1.04
CA THR B 107 -3.65 -12.75 -0.56
C THR B 107 -2.45 -11.80 -0.76
N VAL B 108 -1.25 -12.24 -0.38
CA VAL B 108 -0.05 -11.43 -0.60
C VAL B 108 0.30 -11.35 -2.09
N PHE B 109 0.02 -12.42 -2.83
CA PHE B 109 0.33 -12.50 -4.25
C PHE B 109 -0.43 -11.42 -5.02
N VAL B 110 -1.76 -11.42 -4.90
CA VAL B 110 -2.57 -10.43 -5.62
C VAL B 110 -2.42 -9.00 -5.08
N ALA B 111 -2.14 -8.86 -3.79
CA ALA B 111 -1.81 -7.54 -3.22
C ALA B 111 -0.51 -7.01 -3.82
N GLY B 112 0.49 -7.88 -3.94
CA GLY B 112 1.75 -7.49 -4.56
C GLY B 112 1.51 -7.08 -6.01
N VAL B 113 0.84 -7.95 -6.78
CA VAL B 113 0.53 -7.62 -8.17
C VAL B 113 -0.27 -6.32 -8.27
N GLY B 114 -1.22 -6.12 -7.35
CA GLY B 114 -2.00 -4.89 -7.28
C GLY B 114 -1.15 -3.63 -7.03
N GLY B 115 -0.12 -3.76 -6.20
CA GLY B 115 0.79 -2.66 -5.96
C GLY B 115 1.55 -2.30 -7.23
N HIS B 116 1.86 -3.30 -8.04
CA HIS B 116 2.54 -3.08 -9.32
C HIS B 116 1.65 -2.32 -10.31
N LEU B 117 0.39 -2.72 -10.39
CA LEU B 117 -0.59 -2.04 -11.24
C LEU B 117 -0.72 -0.56 -10.83
N ASP B 118 -0.85 -0.32 -9.53
CA ASP B 118 -0.92 1.06 -9.03
C ASP B 118 0.36 1.87 -9.33
N GLN B 119 1.52 1.21 -9.34
CA GLN B 119 2.76 1.89 -9.75
C GLN B 119 2.68 2.28 -11.22
N TYR B 120 2.22 1.34 -12.04
CA TYR B 120 2.00 1.61 -13.45
C TYR B 120 1.11 2.85 -13.64
N LEU B 121 0.10 2.96 -12.78
CA LEU B 121 -0.92 4.00 -12.90
C LEU B 121 -0.43 5.35 -12.39
N GLU B 122 0.79 5.37 -11.86
CA GLU B 122 1.46 6.62 -11.51
C GLU B 122 1.94 7.32 -12.78
N ARG B 123 1.98 6.60 -13.89
CA ARG B 123 2.41 7.18 -15.17
C ARG B 123 1.54 8.36 -15.56
N GLU B 124 2.18 9.42 -16.06
CA GLU B 124 1.47 10.61 -16.46
C GLU B 124 0.51 10.33 -17.62
N GLN B 125 0.90 9.41 -18.50
CA GLN B 125 0.07 9.02 -19.62
C GLN B 125 0.00 7.52 -19.74
N ILE B 126 -1.20 6.98 -19.93
CA ILE B 126 -1.35 5.55 -20.11
C ILE B 126 -2.18 5.20 -21.33
N ASP B 127 -1.84 4.05 -21.91
CA ASP B 127 -2.60 3.41 -22.97
C ASP B 127 -2.47 1.93 -22.64
N PRO B 128 -3.32 1.42 -21.73
CA PRO B 128 -3.18 0.04 -21.22
C PRO B 128 -2.97 -0.99 -22.31
N LEU B 129 -3.72 -0.88 -23.40
CA LEU B 129 -3.58 -1.79 -24.54
C LEU B 129 -2.16 -1.72 -25.13
N ALA B 130 -1.71 -0.52 -25.49
CA ALA B 130 -0.41 -0.37 -26.14
C ALA B 130 0.76 -0.64 -25.19
N ASP B 131 0.53 -0.46 -23.89
CA ASP B 131 1.57 -0.60 -22.88
C ASP B 131 1.84 -2.05 -22.47
N GLY B 132 1.01 -2.97 -22.95
CA GLY B 132 1.20 -4.38 -22.67
C GLY B 132 0.46 -4.91 -21.45
N ILE B 133 -0.48 -4.11 -20.92
CA ILE B 133 -1.34 -4.59 -19.83
C ILE B 133 -2.33 -5.63 -20.34
N ALA B 134 -2.33 -6.80 -19.72
CA ALA B 134 -3.22 -7.88 -20.14
C ALA B 134 -3.71 -8.70 -18.96
N PHE B 135 -5.04 -8.90 -18.90
CA PHE B 135 -5.68 -9.77 -17.92
C PHE B 135 -6.43 -10.85 -18.69
N ARG B 136 -5.91 -12.07 -18.70
CA ARG B 136 -6.52 -13.15 -19.50
C ARG B 136 -6.86 -14.40 -18.67
N GLN B 137 -7.74 -15.24 -19.21
CA GLN B 137 -8.09 -16.53 -18.61
C GLN B 137 -8.27 -17.59 -19.68
N THR B 138 -7.74 -18.78 -19.43
CA THR B 138 -7.92 -19.91 -20.31
C THR B 138 -8.32 -21.15 -19.52
N ALA B 139 -9.25 -21.94 -20.05
CA ALA B 139 -9.64 -23.18 -19.43
C ALA B 139 -8.95 -24.36 -20.10
N LEU B 140 -8.37 -25.24 -19.28
CA LEU B 140 -7.65 -26.42 -19.78
C LEU B 140 -8.19 -27.71 -19.19
N ASN B 141 -8.43 -28.70 -20.05
CA ASN B 141 -8.79 -30.02 -19.58
C ASN B 141 -7.55 -30.92 -19.50
N LEU B 142 -6.98 -31.02 -18.30
CA LEU B 142 -5.71 -31.72 -18.11
C LEU B 142 -5.78 -32.81 -17.03
N SER B 143 -5.24 -33.99 -17.32
CA SER B 143 -5.07 -35.00 -16.28
C SER B 143 -3.86 -34.63 -15.41
N ASP B 144 -3.69 -35.33 -14.30
CA ASP B 144 -2.59 -35.03 -13.38
C ASP B 144 -1.25 -35.17 -14.10
N GLU B 145 -1.19 -36.10 -15.06
CA GLU B 145 0.00 -36.30 -15.86
C GLU B 145 0.23 -35.14 -16.83
N GLU B 146 -0.82 -34.80 -17.57
CA GLU B 146 -0.73 -33.75 -18.58
C GLU B 146 -0.41 -32.40 -17.93
N LEU B 147 -0.91 -32.21 -16.71
CA LEU B 147 -0.59 -31.00 -15.96
C LEU B 147 0.92 -30.88 -15.79
N ALA B 148 1.54 -31.96 -15.32
CA ALA B 148 2.98 -31.98 -15.08
C ALA B 148 3.78 -31.82 -16.38
N GLU B 149 3.18 -32.22 -17.50
CA GLU B 149 3.84 -32.10 -18.79
C GLU B 149 3.58 -30.72 -19.39
N PHE B 150 2.48 -30.12 -18.98
CA PHE B 150 2.13 -28.75 -19.38
C PHE B 150 3.06 -27.72 -18.73
N LEU B 151 3.17 -27.80 -17.40
CA LEU B 151 3.97 -26.86 -16.64
C LEU B 151 5.46 -26.93 -17.01
N THR B 152 5.92 -28.11 -17.35
CA THR B 152 7.29 -28.29 -17.81
C THR B 152 7.44 -27.64 -19.19
N ALA B 153 6.42 -27.80 -20.02
CA ALA B 153 6.42 -27.26 -21.39
C ALA B 153 6.19 -25.76 -21.40
N PHE B 154 5.49 -25.26 -20.38
CA PHE B 154 5.26 -23.83 -20.24
C PHE B 154 6.58 -23.10 -20.04
N GLY B 155 7.38 -23.60 -19.13
CA GLY B 155 8.70 -23.04 -18.86
C GLY B 155 9.55 -23.00 -20.11
N GLU B 156 9.39 -24.01 -20.96
CA GLU B 156 10.15 -24.12 -22.21
C GLU B 156 9.71 -23.10 -23.25
N PHE B 157 8.43 -22.76 -23.26
CA PHE B 157 7.95 -21.69 -24.12
C PHE B 157 8.56 -20.36 -23.67
N LEU B 158 8.64 -20.17 -22.36
CA LEU B 158 9.15 -18.92 -21.78
C LEU B 158 10.66 -18.79 -21.91
N ALA B 159 11.36 -19.91 -22.06
CA ALA B 159 12.82 -19.93 -22.07
C ALA B 159 13.49 -18.84 -22.92
N PRO B 160 13.19 -18.80 -24.24
CA PRO B 160 13.86 -17.83 -25.11
C PRO B 160 13.49 -16.39 -24.79
N TYR B 161 12.26 -16.17 -24.32
CA TYR B 161 11.78 -14.81 -24.03
C TYR B 161 12.43 -14.25 -22.77
N VAL B 162 12.61 -15.11 -21.77
CA VAL B 162 13.28 -14.73 -20.54
C VAL B 162 14.73 -14.40 -20.84
N ALA B 163 15.30 -15.12 -21.81
CA ALA B 163 16.70 -14.98 -22.18
C ALA B 163 17.06 -13.59 -22.71
N HIS B 164 16.04 -12.79 -23.03
CA HIS B 164 16.28 -11.43 -23.51
C HIS B 164 17.05 -10.61 -22.47
N SER B 165 18.15 -9.98 -22.91
CA SER B 165 18.89 -9.06 -22.06
C SER B 165 18.20 -7.70 -22.05
N PRO B 166 18.45 -6.89 -21.01
CA PRO B 166 17.94 -5.52 -21.06
C PRO B 166 18.47 -4.78 -22.27
N ALA B 167 17.61 -4.02 -22.93
CA ALA B 167 18.01 -3.25 -24.09
C ALA B 167 17.26 -1.92 -24.10
N PRO B 168 17.74 -0.95 -24.90
CA PRO B 168 17.10 0.35 -25.04
C PRO B 168 15.62 0.29 -25.44
N ASP B 169 15.26 -0.57 -26.40
CA ASP B 169 13.87 -0.64 -26.89
C ASP B 169 12.97 -1.54 -26.03
N ARG B 170 13.59 -2.27 -25.10
CA ARG B 170 12.87 -3.22 -24.28
C ARG B 170 12.42 -2.63 -22.94
N THR B 171 11.17 -2.91 -22.58
CA THR B 171 10.62 -2.56 -21.27
C THR B 171 10.43 -3.83 -20.44
N ARG B 172 10.89 -3.80 -19.19
CA ARG B 172 10.78 -4.97 -18.32
C ARG B 172 9.33 -5.19 -17.88
N ARG B 173 8.78 -6.34 -18.26
CA ARG B 173 7.41 -6.70 -17.94
C ARG B 173 7.36 -7.90 -16.99
N VAL B 174 6.32 -7.96 -16.16
CA VAL B 174 6.18 -9.03 -15.18
C VAL B 174 4.93 -9.88 -15.44
N LEU B 175 5.17 -11.16 -15.76
CA LEU B 175 4.10 -12.12 -16.09
C LEU B 175 3.68 -12.91 -14.86
N SER B 176 2.45 -12.69 -14.38
CA SER B 176 1.94 -13.41 -13.22
C SER B 176 0.95 -14.51 -13.63
N THR B 177 1.18 -15.72 -13.15
CA THR B 177 0.33 -16.86 -13.51
C THR B 177 -0.33 -17.48 -12.28
N ILE B 178 -1.61 -17.82 -12.43
CA ILE B 178 -2.37 -18.50 -11.38
C ILE B 178 -3.16 -19.63 -12.02
N LEU B 179 -3.00 -20.84 -11.51
CA LEU B 179 -3.73 -22.00 -12.01
C LEU B 179 -4.50 -22.66 -10.86
N ILE B 180 -5.81 -22.80 -11.04
CA ILE B 180 -6.67 -23.43 -10.04
C ILE B 180 -7.63 -24.40 -10.73
N PRO B 181 -7.77 -25.62 -10.17
CA PRO B 181 -8.71 -26.59 -10.79
C PRO B 181 -10.14 -26.37 -10.32
N ASP B 182 -11.09 -26.82 -11.13
CA ASP B 182 -12.48 -26.80 -10.71
C ASP B 182 -12.69 -27.83 -9.59
S SO4 C . 15.94 10.19 2.74
O1 SO4 C . 14.65 10.76 3.13
O2 SO4 C . 16.04 10.14 1.28
O3 SO4 C . 17.02 11.05 3.27
O4 SO4 C . 16.08 8.84 3.27
S SO4 D . -9.13 20.34 12.50
O1 SO4 D . -10.03 21.34 11.94
O2 SO4 D . -9.00 19.25 11.54
O3 SO4 D . -7.83 20.96 12.79
O4 SO4 D . -9.70 19.83 13.74
S SO4 E . 2.13 11.02 -8.65
O1 SO4 E . 0.78 10.65 -9.09
O2 SO4 E . 2.26 12.48 -8.73
O3 SO4 E . 2.32 10.57 -7.28
O4 SO4 E . 3.12 10.40 -9.52
#